data_5MS2
#
_entry.id   5MS2
#
_cell.length_a   51.550
_cell.length_b   69.550
_cell.length_c   90.170
_cell.angle_alpha   90.00
_cell.angle_beta   101.08
_cell.angle_gamma   90.00
#
_symmetry.space_group_name_H-M   'P 1 21 1'
#
loop_
_entity.id
_entity.type
_entity.pdbx_description
1 polymer 'Legionella pneumophila effector protein RavZ'
2 polymer 'Microtubule-associated proteins 1A/1B light chain 3B'
3 water water
#
loop_
_entity_poly.entity_id
_entity_poly.type
_entity_poly.pdbx_seq_one_letter_code
_entity_poly.pdbx_strand_id
1 'polypeptide(L)'
;GPMKGKLTGKDKLIVDEFEELGEQESDIDEFDLLEGDEKLPGDSELDKTTSIYPPETSWEVNKGMNSSRLHKLYSLFFDK
SSAFYLGDDVSVLEDKPLTGAYGFQSKKNDQQIFLFRPDSDYVAGYHVDAKSDAGWVNDKLDRRLSEISEFCSKATQPAT
FILPFVEMPTDITKGVQHQVLLTISYDPKSKQLTPTVYDSIGRDTYSESLSSYFKGKYRTTCDEILTQSIEKAIKSTDFT
LGKFTRAAYNHQNRLTEGNCGSYTFRTIKEVISSSAQGTEVKIPGSGYITSNSYLTSQHVQDIESCIKYRNLGVVDIESA
LTEGKTLPVQLSEFIVALEDYGKLRSQQSEKSMLNFIGYSKTAKLTAVELLIGILNDIKGKNEISESQYDKLVKEVDCLM
DSSLGKLVQFHLKNLGAESLQKLVLPCVKFDDT
;
A
2 'polypeptide(L)'
;GHMGCMPSEKTFKQRRTFEQRVEDVRLIREQHPTKIPVIIERYKGEKQLPVLDKTKFLVPDHVNMSELIKIIRRRLQLNA
NQAFFLLVNGHSMVSVSTPISEVYESEKDEDGFLYMVYASQETF
;
B
#
# COMPACT_ATOMS: atom_id res chain seq x y z
N ASP A 27 -24.06 24.66 11.66
CA ASP A 27 -22.76 24.32 11.08
C ASP A 27 -22.92 23.22 10.01
N ILE A 28 -21.85 22.99 9.24
CA ILE A 28 -21.89 22.08 8.11
C ILE A 28 -20.73 21.06 8.09
N ASP A 29 -19.48 21.54 7.98
CA ASP A 29 -18.31 20.66 7.92
C ASP A 29 -17.68 20.39 9.28
N GLU A 30 -17.68 19.14 9.75
CA GLU A 30 -16.93 18.87 10.97
C GLU A 30 -15.68 18.06 10.65
N PHE A 31 -15.86 16.78 10.50
CA PHE A 31 -14.80 15.99 9.81
C PHE A 31 -15.14 15.13 8.47
N ASP A 32 -14.97 16.07 7.51
CA ASP A 32 -15.03 15.65 6.16
C ASP A 32 -13.57 15.60 5.76
N LEU A 33 -12.70 15.84 6.75
CA LEU A 33 -11.26 15.85 6.51
C LEU A 33 -10.77 14.55 5.96
N LEU A 34 -9.91 14.64 4.96
CA LEU A 34 -9.28 13.45 4.43
C LEU A 34 -7.85 13.36 4.94
N GLU A 35 -7.67 12.46 5.91
CA GLU A 35 -6.43 12.31 6.64
C GLU A 35 -6.43 10.93 7.25
N GLY A 36 -5.40 10.62 8.04
CA GLY A 36 -5.22 9.26 8.49
C GLY A 36 -5.11 8.34 7.30
N ASP A 37 -5.94 7.29 7.25
CA ASP A 37 -5.77 6.33 6.16
C ASP A 37 -6.36 6.89 4.84
N GLU A 38 -7.05 8.02 4.93
CA GLU A 38 -7.53 8.70 3.74
C GLU A 38 -6.59 9.81 3.32
N LYS A 39 -5.43 9.91 3.97
CA LYS A 39 -4.50 10.98 3.62
C LYS A 39 -3.85 10.76 2.26
N LEU A 40 -3.91 11.77 1.39
CA LEU A 40 -3.10 11.76 0.18
C LEU A 40 -1.90 12.66 0.41
N PRO A 41 -0.69 12.13 0.21
CA PRO A 41 0.51 12.94 0.43
C PRO A 41 0.55 14.17 -0.45
N GLY A 42 1.04 15.27 0.11
CA GLY A 42 1.12 16.55 -0.58
C GLY A 42 2.22 16.60 -1.62
N ASP A 43 2.20 17.64 -2.44
CA ASP A 43 3.13 17.80 -3.53
C ASP A 43 4.59 17.79 -3.07
N SER A 44 4.90 18.42 -1.95
CA SER A 44 6.29 18.54 -1.51
C SER A 44 6.74 17.30 -0.73
N GLU A 45 5.81 16.42 -0.43
CA GLU A 45 6.11 15.16 0.25
C GLU A 45 6.41 14.08 -0.79
N LEU A 46 6.43 14.45 -2.08
CA LEU A 46 6.44 13.48 -3.18
C LEU A 46 7.62 12.51 -3.31
N ASP A 47 8.84 12.99 -3.13
CA ASP A 47 10.02 12.13 -3.14
C ASP A 47 10.54 11.88 -1.73
N LYS A 48 9.91 12.48 -0.73
CA LYS A 48 10.36 12.29 0.64
C LYS A 48 9.58 11.26 1.46
N THR A 49 8.51 10.67 0.92
CA THR A 49 7.66 9.84 1.76
C THR A 49 7.93 8.36 1.59
N THR A 50 8.59 7.78 2.58
CA THR A 50 8.83 6.35 2.58
C THR A 50 7.88 5.55 3.47
N SER A 51 6.98 6.21 4.21
CA SER A 51 6.09 5.46 5.10
C SER A 51 4.91 4.86 4.35
N ILE A 52 4.55 5.45 3.21
CA ILE A 52 3.34 5.06 2.53
C ILE A 52 3.57 5.09 1.02
N TYR A 53 3.07 4.06 0.32
CA TYR A 53 3.12 4.06 -1.13
C TYR A 53 1.72 4.35 -1.60
N PRO A 54 1.50 5.59 -2.06
CA PRO A 54 0.20 6.12 -2.49
C PRO A 54 -0.18 5.67 -3.90
N PRO A 55 -1.47 5.65 -4.23
CA PRO A 55 -1.90 5.31 -5.57
C PRO A 55 -1.37 6.30 -6.61
N GLU A 56 -0.72 5.85 -7.68
CA GLU A 56 -0.34 6.81 -8.70
C GLU A 56 -1.13 6.47 -9.92
N THR A 57 -2.17 7.26 -10.17
CA THR A 57 -3.27 6.71 -10.94
C THR A 57 -3.01 6.88 -12.43
N SER A 58 -2.05 7.74 -12.78
CA SER A 58 -1.62 7.88 -14.17
C SER A 58 -0.35 7.05 -14.53
N TRP A 59 0.17 6.27 -13.60
CA TRP A 59 1.35 5.45 -13.88
C TRP A 59 1.07 4.38 -14.92
N GLU A 60 2.12 3.99 -15.66
CA GLU A 60 2.08 2.87 -16.60
C GLU A 60 3.43 2.17 -16.54
N VAL A 61 3.47 0.89 -16.88
CA VAL A 61 4.71 0.11 -16.89
C VAL A 61 5.83 0.88 -17.60
N ASN A 62 5.45 1.48 -18.71
CA ASN A 62 6.37 2.31 -19.46
C ASN A 62 6.94 3.51 -18.68
N LYS A 63 6.31 3.92 -17.59
CA LYS A 63 6.73 5.13 -16.88
C LYS A 63 7.85 4.88 -15.86
N GLY A 64 8.29 3.65 -15.74
CA GLY A 64 9.45 3.39 -14.92
C GLY A 64 9.21 3.01 -13.48
N MET A 65 10.28 2.51 -12.88
CA MET A 65 10.29 2.02 -11.52
C MET A 65 11.20 2.85 -10.60
N ASN A 66 10.92 2.80 -9.31
CA ASN A 66 11.89 3.21 -8.31
C ASN A 66 11.76 2.23 -7.19
N SER A 67 12.55 2.41 -6.15
CA SER A 67 12.57 1.41 -5.09
C SER A 67 11.20 1.32 -4.36
N SER A 68 10.51 2.45 -4.24
CA SER A 68 9.19 2.45 -3.56
C SER A 68 8.10 1.69 -4.34
N ARG A 69 8.03 1.88 -5.65
CA ARG A 69 7.09 1.10 -6.42
C ARG A 69 7.41 -0.39 -6.40
N LEU A 70 8.71 -0.71 -6.43
CA LEU A 70 9.09 -2.10 -6.43
C LEU A 70 8.62 -2.72 -5.12
N HIS A 71 9.00 -2.08 -4.01
CA HIS A 71 8.60 -2.57 -2.71
C HIS A 71 7.09 -2.75 -2.63
N LYS A 72 6.34 -1.79 -3.18
CA LYS A 72 4.90 -1.88 -3.20
C LYS A 72 4.48 -3.17 -3.92
N LEU A 73 5.11 -3.43 -5.05
CA LEU A 73 4.77 -4.61 -5.84
C LEU A 73 4.98 -5.89 -5.05
N TYR A 74 5.90 -5.85 -4.09
CA TYR A 74 6.10 -7.06 -3.24
C TYR A 74 4.80 -7.61 -2.62
N SER A 75 3.81 -6.74 -2.40
CA SER A 75 2.50 -7.15 -1.85
C SER A 75 1.77 -8.25 -2.65
N LEU A 76 2.16 -8.43 -3.90
CA LEU A 76 1.55 -9.43 -4.79
C LEU A 76 1.92 -10.89 -4.51
N PHE A 77 3.04 -11.11 -3.84
CA PHE A 77 3.61 -12.47 -3.70
C PHE A 77 2.70 -13.46 -2.98
N PHE A 78 2.03 -12.99 -1.94
CA PHE A 78 1.08 -13.82 -1.23
C PHE A 78 -0.40 -13.61 -1.59
N ASP A 79 -0.66 -12.81 -2.61
CA ASP A 79 -2.00 -12.79 -3.16
C ASP A 79 -2.21 -14.00 -4.10
N LYS A 80 -3.15 -14.88 -3.71
CA LYS A 80 -3.38 -16.14 -4.40
C LYS A 80 -3.96 -15.94 -5.81
N SER A 81 -4.50 -14.76 -6.06
CA SER A 81 -5.06 -14.41 -7.36
C SER A 81 -4.06 -13.66 -8.24
N SER A 82 -2.88 -13.39 -7.73
CA SER A 82 -1.86 -12.75 -8.53
C SER A 82 -1.08 -13.73 -9.42
N ALA A 83 -0.69 -13.28 -10.60
CA ALA A 83 0.20 -14.07 -11.42
C ALA A 83 1.55 -14.29 -10.74
N PHE A 84 1.83 -13.46 -9.73
CA PHE A 84 3.09 -13.42 -8.98
C PHE A 84 3.05 -14.23 -7.68
N TYR A 85 1.95 -14.94 -7.44
CA TYR A 85 1.81 -15.68 -6.20
C TYR A 85 2.95 -16.66 -5.96
N LEU A 86 3.58 -16.55 -4.80
CA LEU A 86 4.64 -17.48 -4.38
C LEU A 86 4.23 -18.59 -3.44
N GLY A 87 2.99 -18.58 -2.96
CA GLY A 87 2.65 -19.37 -1.79
C GLY A 87 2.68 -20.88 -1.96
N ASP A 88 2.76 -21.33 -3.21
CA ASP A 88 2.94 -22.74 -3.46
C ASP A 88 4.43 -23.13 -3.30
N ASP A 89 5.32 -22.25 -3.73
CA ASP A 89 6.74 -22.56 -3.74
C ASP A 89 7.43 -22.41 -2.40
N VAL A 90 7.12 -21.31 -1.70
CA VAL A 90 7.74 -21.01 -0.40
C VAL A 90 6.72 -20.85 0.72
N SER A 91 7.21 -21.05 1.94
CA SER A 91 6.56 -20.57 3.14
C SER A 91 7.48 -19.53 3.75
N VAL A 92 7.09 -18.93 4.86
CA VAL A 92 7.87 -17.86 5.46
C VAL A 92 8.92 -18.40 6.44
N LEU A 93 10.11 -17.80 6.49
CA LEU A 93 11.12 -18.19 7.49
C LEU A 93 10.60 -17.92 8.89
N GLU A 94 10.86 -18.85 9.81
CA GLU A 94 10.32 -18.72 11.17
C GLU A 94 11.01 -17.58 11.90
N ASP A 95 12.29 -17.37 11.60
CA ASP A 95 13.07 -16.24 12.13
C ASP A 95 13.36 -15.16 11.07
N LYS A 96 14.06 -14.10 11.48
CA LYS A 96 14.52 -13.06 10.56
C LYS A 96 16.05 -12.92 10.59
N PRO A 97 16.78 -13.94 10.09
CA PRO A 97 18.23 -13.91 10.24
C PRO A 97 18.94 -12.86 9.38
N LEU A 98 18.31 -12.39 8.29
CA LEU A 98 19.01 -11.45 7.42
C LEU A 98 18.37 -10.06 7.38
N THR A 99 19.06 -9.08 7.95
CA THR A 99 18.61 -7.69 7.98
C THR A 99 18.37 -7.10 6.60
N GLY A 100 17.28 -6.36 6.45
CA GLY A 100 16.92 -5.72 5.21
C GLY A 100 16.29 -6.70 4.24
N ALA A 101 16.05 -7.93 4.68
CA ALA A 101 15.62 -9.00 3.77
C ALA A 101 14.46 -9.82 4.33
N TYR A 102 13.60 -10.28 3.42
CA TYR A 102 12.51 -11.15 3.83
C TYR A 102 12.89 -12.62 3.58
N GLY A 103 12.83 -13.41 4.65
CA GLY A 103 13.19 -14.82 4.59
C GLY A 103 12.08 -15.75 4.16
N PHE A 104 12.44 -16.76 3.38
CA PHE A 104 11.48 -17.71 2.85
C PHE A 104 12.10 -19.08 2.83
N GLN A 105 11.28 -20.09 3.03
CA GLN A 105 11.77 -21.46 3.03
C GLN A 105 11.07 -22.22 1.93
N SER A 106 11.82 -22.87 1.05
CA SER A 106 11.17 -23.61 -0.03
C SER A 106 10.29 -24.75 0.48
N LYS A 107 9.11 -24.88 -0.12
CA LYS A 107 8.24 -26.00 0.19
C LYS A 107 8.66 -27.28 -0.54
N LYS A 108 9.38 -27.15 -1.67
CA LYS A 108 9.91 -28.30 -2.38
C LYS A 108 11.41 -28.60 -2.14
N ASN A 109 12.11 -27.77 -1.37
CA ASN A 109 13.56 -27.86 -1.17
C ASN A 109 14.00 -27.81 0.28
N ASP A 110 15.32 -27.84 0.47
CA ASP A 110 15.96 -27.38 1.70
C ASP A 110 16.44 -25.93 1.52
N GLN A 111 16.13 -25.36 0.36
CA GLN A 111 16.58 -24.02 -0.01
C GLN A 111 15.88 -22.91 0.78
N GLN A 112 16.69 -22.05 1.42
CA GLN A 112 16.18 -20.82 1.99
C GLN A 112 16.45 -19.69 1.01
N ILE A 113 15.53 -18.75 0.92
CA ILE A 113 15.55 -17.71 -0.09
C ILE A 113 15.31 -16.36 0.57
N PHE A 114 16.19 -15.41 0.32
CA PHE A 114 16.12 -14.09 0.94
C PHE A 114 15.92 -13.00 -0.08
N LEU A 115 14.85 -12.23 0.07
CA LEU A 115 14.58 -11.15 -0.87
C LEU A 115 14.83 -9.81 -0.18
N PHE A 116 15.87 -9.11 -0.64
CA PHE A 116 16.16 -7.81 -0.07
C PHE A 116 15.07 -6.82 -0.44
N ARG A 117 14.64 -6.08 0.56
CA ARG A 117 13.75 -4.95 0.38
C ARG A 117 14.48 -3.92 -0.47
N PRO A 118 13.85 -3.47 -1.57
CA PRO A 118 14.42 -2.49 -2.49
C PRO A 118 14.91 -1.23 -1.77
N ASP A 119 16.04 -0.71 -2.17
CA ASP A 119 16.60 0.47 -1.53
C ASP A 119 17.18 1.39 -2.58
N SER A 120 16.91 2.69 -2.47
CA SER A 120 17.36 3.61 -3.53
C SER A 120 18.89 3.73 -3.53
N ASP A 121 19.53 3.34 -2.43
CA ASP A 121 20.99 3.38 -2.37
C ASP A 121 21.65 2.13 -2.94
N TYR A 122 20.87 1.20 -3.49
CA TYR A 122 21.55 0.06 -4.06
C TYR A 122 21.86 0.47 -5.49
N VAL A 123 23.10 0.93 -5.66
CA VAL A 123 23.52 1.69 -6.84
C VAL A 123 24.98 1.35 -7.09
N ALA A 124 25.33 1.19 -8.36
CA ALA A 124 26.71 1.05 -8.76
C ALA A 124 26.95 1.98 -9.92
N GLY A 125 27.91 2.90 -9.79
CA GLY A 125 28.44 3.60 -10.94
C GLY A 125 29.64 2.92 -11.57
N TYR A 126 29.73 3.01 -12.89
CA TYR A 126 30.90 2.50 -13.62
C TYR A 126 31.33 3.53 -14.65
N HIS A 127 32.55 3.36 -15.15
CA HIS A 127 33.09 4.21 -16.19
C HIS A 127 32.98 3.47 -17.51
N VAL A 128 32.50 4.19 -18.50
CA VAL A 128 32.35 3.68 -19.84
C VAL A 128 33.72 3.43 -20.48
N ASP A 129 34.68 4.28 -20.12
CA ASP A 129 36.05 4.18 -20.62
C ASP A 129 36.84 3.11 -19.89
N ALA A 130 37.30 2.11 -20.63
CA ALA A 130 38.00 0.98 -20.04
C ALA A 130 39.34 1.40 -19.45
N LYS A 131 39.91 2.49 -19.96
CA LYS A 131 41.17 3.03 -19.45
C LYS A 131 41.03 3.61 -18.05
N SER A 132 39.83 4.05 -17.69
CA SER A 132 39.61 4.55 -16.33
C SER A 132 39.29 3.37 -15.42
N ASP A 133 39.16 3.58 -14.11
CA ASP A 133 38.95 2.41 -13.27
C ASP A 133 37.48 2.00 -13.33
N ALA A 134 37.16 0.92 -12.62
CA ALA A 134 35.89 0.24 -12.82
C ALA A 134 34.71 1.01 -12.23
N GLY A 135 34.99 2.12 -11.52
CA GLY A 135 33.93 2.80 -10.79
C GLY A 135 33.72 2.36 -9.35
N TRP A 136 32.47 2.39 -8.89
CA TRP A 136 32.21 2.18 -7.49
C TRP A 136 30.86 1.51 -7.19
N VAL A 137 30.76 1.04 -5.95
CA VAL A 137 29.52 0.50 -5.42
C VAL A 137 29.11 1.32 -4.20
N ASN A 138 27.82 1.69 -4.09
CA ASN A 138 27.35 2.45 -2.94
C ASN A 138 27.71 1.71 -1.65
N ASP A 139 28.07 2.46 -0.63
CA ASP A 139 28.42 1.89 0.67
C ASP A 139 27.40 0.90 1.27
N LYS A 140 26.12 1.16 1.06
CA LYS A 140 25.09 0.30 1.62
C LYS A 140 25.05 -1.02 0.88
N LEU A 141 25.27 -0.97 -0.42
CA LEU A 141 25.29 -2.19 -1.21
C LEU A 141 26.47 -3.10 -0.78
N ASP A 142 27.63 -2.47 -0.59
CA ASP A 142 28.79 -3.21 -0.13
C ASP A 142 28.54 -3.75 1.29
N ARG A 143 27.84 -2.97 2.11
CA ARG A 143 27.50 -3.44 3.45
C ARG A 143 26.64 -4.69 3.38
N ARG A 144 25.72 -4.68 2.42
CA ARG A 144 24.85 -5.84 2.24
C ARG A 144 25.65 -7.04 1.79
N LEU A 145 26.56 -6.87 0.84
CA LEU A 145 27.43 -7.98 0.45
C LEU A 145 28.19 -8.57 1.67
N SER A 146 28.82 -7.71 2.50
CA SER A 146 29.43 -8.22 3.73
C SER A 146 28.45 -8.99 4.63
N GLU A 147 27.24 -8.47 4.79
CA GLU A 147 26.30 -9.16 5.66
C GLU A 147 25.89 -10.52 5.08
N ILE A 148 25.75 -10.59 3.76
CA ILE A 148 25.48 -11.86 3.10
C ILE A 148 26.62 -12.83 3.40
N SER A 149 27.85 -12.35 3.25
CA SER A 149 29.00 -13.22 3.50
C SER A 149 29.01 -13.72 4.97
N GLU A 150 28.74 -12.83 5.91
CA GLU A 150 28.75 -13.24 7.32
C GLU A 150 27.63 -14.25 7.62
N PHE A 151 26.48 -14.11 6.97
CA PHE A 151 25.38 -15.08 7.11
C PHE A 151 25.76 -16.45 6.55
N CYS A 152 26.37 -16.44 5.37
CA CYS A 152 26.83 -17.66 4.73
C CYS A 152 27.85 -18.38 5.60
N SER A 153 28.78 -17.66 6.23
CA SER A 153 29.80 -18.35 7.02
C SER A 153 29.17 -19.20 8.13
N LYS A 154 28.02 -18.78 8.64
CA LYS A 154 27.30 -19.55 9.67
C LYS A 154 26.18 -20.48 9.14
N ALA A 155 25.94 -20.45 7.83
CA ALA A 155 24.80 -21.19 7.26
C ALA A 155 25.02 -22.69 7.21
N THR A 156 24.04 -23.43 7.70
CA THR A 156 24.01 -24.89 7.57
C THR A 156 23.14 -25.35 6.40
N GLN A 157 22.55 -24.40 5.69
CA GLN A 157 21.60 -24.71 4.63
C GLN A 157 21.83 -23.89 3.36
N PRO A 158 21.66 -24.53 2.19
CA PRO A 158 21.78 -23.82 0.91
C PRO A 158 20.85 -22.61 0.87
N ALA A 159 21.37 -21.48 0.40
CA ALA A 159 20.59 -20.26 0.43
C ALA A 159 20.70 -19.48 -0.86
N THR A 160 19.71 -18.64 -1.13
CA THR A 160 19.72 -17.74 -2.28
C THR A 160 19.41 -16.32 -1.81
N PHE A 161 20.16 -15.35 -2.32
CA PHE A 161 19.99 -13.96 -1.94
C PHE A 161 19.67 -13.18 -3.19
N ILE A 162 18.59 -12.41 -3.14
CA ILE A 162 18.10 -11.66 -4.29
C ILE A 162 18.05 -10.19 -3.92
N LEU A 163 18.89 -9.40 -4.58
CA LEU A 163 18.94 -7.95 -4.36
C LEU A 163 18.66 -7.16 -5.66
N PRO A 164 17.57 -6.39 -5.70
CA PRO A 164 17.41 -5.50 -6.86
C PRO A 164 18.29 -4.26 -6.75
N PHE A 165 18.84 -3.78 -7.86
CA PHE A 165 19.69 -2.61 -7.76
C PHE A 165 19.73 -1.90 -9.10
N VAL A 166 20.45 -0.77 -9.17
CA VAL A 166 20.61 -0.06 -10.44
C VAL A 166 22.08 0.29 -10.70
N GLU A 167 22.45 0.31 -11.97
CA GLU A 167 23.82 0.60 -12.36
C GLU A 167 23.79 1.78 -13.33
N MET A 168 24.74 2.70 -13.20
CA MET A 168 24.75 3.86 -14.09
C MET A 168 26.19 4.20 -14.56
N PRO A 169 26.34 4.67 -15.82
CA PRO A 169 27.65 5.18 -16.25
C PRO A 169 27.98 6.49 -15.55
N THR A 170 29.15 6.65 -14.95
CA THR A 170 29.47 7.95 -14.36
C THR A 170 30.38 8.88 -15.17
N ASP A 171 30.96 8.41 -16.27
CA ASP A 171 31.85 9.30 -17.05
C ASP A 171 31.22 9.89 -18.32
N ILE A 172 29.94 9.61 -18.57
CA ILE A 172 29.22 10.35 -19.60
C ILE A 172 28.16 11.23 -18.99
N THR A 173 27.87 12.36 -19.62
CA THR A 173 26.73 13.13 -19.21
C THR A 173 25.48 12.40 -19.69
N LYS A 174 24.33 12.72 -19.10
CA LYS A 174 23.03 12.19 -19.54
C LYS A 174 22.88 10.69 -19.35
N GLY A 175 23.58 10.15 -18.34
CA GLY A 175 23.45 8.74 -17.98
C GLY A 175 22.05 8.34 -17.54
N VAL A 176 21.70 7.07 -17.72
CA VAL A 176 20.41 6.59 -17.25
C VAL A 176 20.63 5.54 -16.17
N GLN A 177 19.86 5.60 -15.09
CA GLN A 177 19.95 4.55 -14.09
C GLN A 177 19.27 3.31 -14.62
N HIS A 178 20.03 2.23 -14.72
CA HIS A 178 19.53 1.02 -15.37
C HIS A 178 19.19 -0.02 -14.31
N GLN A 179 17.92 -0.40 -14.32
CA GLN A 179 17.39 -1.50 -13.51
C GLN A 179 18.17 -2.78 -13.71
N VAL A 180 18.49 -3.49 -12.64
CA VAL A 180 19.18 -4.76 -12.85
C VAL A 180 19.02 -5.59 -11.58
N LEU A 181 19.24 -6.91 -11.65
CA LEU A 181 19.04 -7.72 -10.44
C LEU A 181 20.23 -8.65 -10.11
N LEU A 182 20.58 -8.74 -8.83
CA LEU A 182 21.69 -9.57 -8.38
C LEU A 182 21.16 -10.79 -7.62
N THR A 183 21.72 -11.95 -7.91
CA THR A 183 21.44 -13.13 -7.11
C THR A 183 22.75 -13.81 -6.72
N ILE A 184 22.77 -14.32 -5.51
CA ILE A 184 23.92 -15.04 -5.00
C ILE A 184 23.38 -16.34 -4.45
N SER A 185 23.95 -17.47 -4.81
CA SER A 185 23.58 -18.68 -4.10
C SER A 185 24.76 -19.18 -3.29
N TYR A 186 24.46 -19.75 -2.13
CA TYR A 186 25.49 -20.37 -1.31
C TYR A 186 25.16 -21.84 -1.10
N ASP A 187 26.10 -22.69 -1.52
CA ASP A 187 26.06 -24.10 -1.17
C ASP A 187 27.10 -24.36 -0.11
N PRO A 188 26.66 -24.73 1.10
CA PRO A 188 27.47 -24.98 2.30
C PRO A 188 28.32 -26.25 2.17
N LYS A 189 27.84 -27.19 1.37
CA LYS A 189 28.55 -28.44 1.15
C LYS A 189 29.87 -28.15 0.46
N SER A 190 29.82 -27.40 -0.64
CA SER A 190 31.03 -27.02 -1.35
C SER A 190 31.54 -25.66 -0.92
N LYS A 191 30.85 -25.03 0.02
CA LYS A 191 31.21 -23.70 0.51
C LYS A 191 31.35 -22.70 -0.63
N GLN A 192 30.58 -22.92 -1.68
CA GLN A 192 30.71 -22.10 -2.87
C GLN A 192 29.63 -21.02 -2.91
N LEU A 193 30.02 -19.86 -3.39
CA LEU A 193 29.13 -18.72 -3.45
C LEU A 193 29.10 -18.16 -4.88
N THR A 194 27.93 -18.24 -5.52
CA THR A 194 27.81 -17.96 -6.96
C THR A 194 26.94 -16.76 -7.28
N PRO A 195 27.58 -15.69 -7.76
CA PRO A 195 26.89 -14.46 -8.18
C PRO A 195 26.36 -14.56 -9.60
N THR A 196 25.25 -13.87 -9.85
CA THR A 196 24.66 -13.80 -11.17
C THR A 196 23.95 -12.47 -11.26
N VAL A 197 24.02 -11.82 -12.41
CA VAL A 197 23.22 -10.64 -12.61
C VAL A 197 22.25 -10.81 -13.77
N TYR A 198 20.96 -10.62 -13.48
CA TYR A 198 19.95 -10.66 -14.51
C TYR A 198 19.71 -9.24 -15.00
N ASP A 199 19.87 -9.04 -16.31
CA ASP A 199 19.80 -7.70 -16.91
C ASP A 199 18.84 -7.69 -18.12
N SER A 200 17.72 -6.99 -17.95
CA SER A 200 16.79 -6.81 -19.05
C SER A 200 17.29 -5.62 -19.84
N ILE A 201 17.68 -5.86 -21.08
CA ILE A 201 18.31 -4.81 -21.85
C ILE A 201 17.31 -3.71 -22.18
N GLY A 202 17.70 -2.48 -21.84
CA GLY A 202 16.94 -1.31 -22.23
C GLY A 202 17.51 -0.70 -23.49
N ARG A 203 16.79 0.29 -24.02
CA ARG A 203 17.27 1.14 -25.11
C ARG A 203 18.41 2.03 -24.68
N ASP A 204 19.30 2.32 -25.62
CA ASP A 204 20.47 3.15 -25.38
C ASP A 204 21.22 2.76 -24.11
N THR A 205 21.32 1.45 -23.87
CA THR A 205 22.18 0.95 -22.80
C THR A 205 23.53 0.67 -23.46
N TYR A 206 23.63 1.02 -24.74
CA TYR A 206 24.83 0.82 -25.54
C TYR A 206 24.90 1.91 -26.62
N SER A 207 26.11 2.28 -27.03
CA SER A 207 26.28 3.24 -28.11
C SER A 207 27.36 2.82 -29.13
N GLU A 208 26.99 2.80 -30.40
CA GLU A 208 27.93 2.47 -31.47
C GLU A 208 29.01 3.52 -31.59
N SER A 209 28.66 4.76 -31.28
CA SER A 209 29.62 5.85 -31.35
C SER A 209 30.74 5.63 -30.36
N LEU A 210 30.37 5.44 -29.10
CA LEU A 210 31.32 5.18 -28.03
C LEU A 210 32.16 3.95 -28.34
N SER A 211 31.47 2.84 -28.59
CA SER A 211 32.08 1.57 -28.94
C SER A 211 33.11 1.69 -30.04
N SER A 212 32.80 2.51 -31.04
CA SER A 212 33.70 2.75 -32.15
C SER A 212 34.88 3.61 -31.70
N TYR A 213 34.60 4.64 -30.92
CA TYR A 213 35.60 5.59 -30.46
C TYR A 213 36.63 4.91 -29.58
N PHE A 214 36.14 4.02 -28.71
CA PHE A 214 36.99 3.22 -27.85
C PHE A 214 37.48 1.97 -28.59
N LYS A 215 37.06 1.86 -29.86
CA LYS A 215 37.38 0.75 -30.76
C LYS A 215 37.18 -0.59 -30.07
N GLY A 216 36.17 -0.65 -29.20
CA GLY A 216 35.82 -1.85 -28.47
C GLY A 216 36.15 -1.96 -26.99
N LYS A 217 37.06 -1.17 -26.43
CA LYS A 217 37.22 -1.30 -24.98
C LYS A 217 36.33 -0.26 -24.32
N TYR A 218 35.24 -0.79 -23.80
CA TYR A 218 34.08 0.00 -23.52
C TYR A 218 33.42 -0.75 -22.39
N ARG A 219 32.89 -0.06 -21.40
CA ARG A 219 32.16 -0.75 -20.36
C ARG A 219 30.70 -0.36 -20.49
N THR A 220 29.84 -1.34 -20.68
CA THR A 220 28.41 -1.09 -20.65
C THR A 220 27.69 -1.49 -19.35
N THR A 221 28.43 -2.08 -18.42
CA THR A 221 27.86 -2.62 -17.16
C THR A 221 28.80 -2.45 -15.96
N CYS A 222 28.27 -2.66 -14.77
CA CYS A 222 29.03 -2.54 -13.53
C CYS A 222 29.71 -3.84 -13.13
N ASP A 223 29.70 -4.84 -14.02
CA ASP A 223 30.24 -6.17 -13.72
C ASP A 223 31.62 -6.14 -13.05
N GLU A 224 32.51 -5.28 -13.54
CA GLU A 224 33.87 -5.28 -13.00
C GLU A 224 33.86 -4.93 -11.51
N ILE A 225 33.33 -3.74 -11.19
CA ILE A 225 33.44 -3.26 -9.83
C ILE A 225 32.58 -4.08 -8.91
N LEU A 226 31.49 -4.63 -9.45
CA LEU A 226 30.58 -5.41 -8.64
C LEU A 226 31.21 -6.79 -8.27
N THR A 227 31.85 -7.43 -9.24
CA THR A 227 32.52 -8.69 -8.93
C THR A 227 33.68 -8.43 -7.97
N GLN A 228 34.50 -7.41 -8.25
CA GLN A 228 35.55 -7.01 -7.30
C GLN A 228 34.97 -6.82 -5.90
N SER A 229 33.81 -6.19 -5.83
CA SER A 229 33.15 -5.97 -4.52
C SER A 229 32.83 -7.27 -3.82
N ILE A 230 32.29 -8.22 -4.57
CA ILE A 230 31.84 -9.47 -3.99
C ILE A 230 33.03 -10.29 -3.50
N GLU A 231 34.08 -10.30 -4.30
CA GLU A 231 35.32 -10.92 -3.86
C GLU A 231 35.88 -10.22 -2.61
N LYS A 232 35.81 -8.89 -2.55
CA LYS A 232 36.34 -8.16 -1.39
C LYS A 232 35.54 -8.54 -0.17
N ALA A 233 34.24 -8.77 -0.37
CA ALA A 233 33.36 -9.18 0.70
C ALA A 233 33.66 -10.60 1.22
N ILE A 234 34.00 -11.54 0.33
CA ILE A 234 34.20 -12.92 0.82
C ILE A 234 35.64 -13.32 1.16
N LYS A 235 36.57 -12.38 0.99
CA LYS A 235 38.00 -12.73 0.89
C LYS A 235 38.59 -13.41 2.12
N SER A 236 38.03 -13.10 3.29
CA SER A 236 38.57 -13.60 4.56
C SER A 236 38.02 -14.96 4.94
N THR A 237 37.17 -15.54 4.11
CA THR A 237 36.44 -16.73 4.49
C THR A 237 36.90 -17.96 3.70
N ASP A 238 36.26 -19.08 3.97
CA ASP A 238 36.58 -20.33 3.29
C ASP A 238 36.00 -20.40 1.89
N PHE A 239 35.21 -19.42 1.51
CA PHE A 239 34.39 -19.55 0.31
C PHE A 239 35.17 -19.50 -0.98
N THR A 240 34.72 -20.33 -1.92
CA THR A 240 35.12 -20.20 -3.31
C THR A 240 34.05 -19.40 -4.05
N LEU A 241 34.52 -18.52 -4.94
CA LEU A 241 33.66 -17.74 -5.81
C LEU A 241 33.30 -18.53 -7.06
N GLY A 242 32.02 -18.77 -7.29
CA GLY A 242 31.57 -19.45 -8.49
C GLY A 242 31.82 -18.61 -9.74
N LYS A 243 31.50 -19.19 -10.88
CA LYS A 243 31.55 -18.44 -12.13
C LYS A 243 30.53 -17.27 -12.04
N PHE A 244 31.00 -16.04 -12.27
CA PHE A 244 30.09 -14.90 -12.27
C PHE A 244 29.37 -14.87 -13.60
N THR A 245 28.06 -14.63 -13.56
CA THR A 245 27.30 -14.65 -14.80
C THR A 245 26.45 -13.43 -14.97
N ARG A 246 26.53 -12.82 -16.15
CA ARG A 246 25.53 -11.83 -16.48
C ARG A 246 24.56 -12.44 -17.47
N ALA A 247 23.32 -12.66 -17.03
CA ALA A 247 22.31 -13.23 -17.90
C ALA A 247 21.41 -12.11 -18.43
N ALA A 248 21.61 -11.82 -19.71
CA ALA A 248 21.00 -10.67 -20.35
C ALA A 248 19.84 -11.10 -21.26
N TYR A 249 18.79 -10.28 -21.33
CA TYR A 249 17.66 -10.66 -22.15
C TYR A 249 16.96 -9.43 -22.66
N ASN A 250 16.09 -9.64 -23.66
CA ASN A 250 15.33 -8.59 -24.38
C ASN A 250 16.22 -7.67 -25.21
N HIS A 251 17.26 -8.25 -25.82
CA HIS A 251 18.21 -7.51 -26.69
C HIS A 251 17.50 -6.74 -27.79
N GLN A 252 16.93 -7.38 -28.80
CA GLN A 252 15.90 -6.59 -29.42
C GLN A 252 14.58 -7.24 -29.17
N ASN A 253 13.97 -6.73 -28.12
CA ASN A 253 12.57 -6.45 -27.97
C ASN A 253 12.98 -5.11 -27.46
N ARG A 254 12.80 -4.02 -28.17
CA ARG A 254 13.69 -2.94 -27.77
C ARG A 254 12.93 -2.02 -26.85
N LEU A 255 13.35 -2.03 -25.58
CA LEU A 255 12.51 -1.57 -24.47
C LEU A 255 12.93 -0.23 -23.91
N THR A 256 11.95 0.53 -23.44
CA THR A 256 12.23 1.71 -22.64
C THR A 256 12.91 1.24 -21.37
N GLU A 257 13.72 2.12 -20.79
CA GLU A 257 14.21 1.92 -19.43
C GLU A 257 13.04 1.57 -18.52
N GLY A 258 11.91 2.24 -18.75
CA GLY A 258 10.71 2.05 -17.93
C GLY A 258 10.31 0.60 -17.76
N ASN A 259 10.15 -0.10 -18.88
CA ASN A 259 9.76 -1.51 -18.92
C ASN A 259 10.66 -2.44 -18.12
N CYS A 260 11.95 -2.11 -18.17
CA CYS A 260 12.98 -2.95 -17.56
C CYS A 260 12.71 -3.23 -16.09
N GLY A 261 12.06 -2.29 -15.40
CA GLY A 261 11.75 -2.48 -13.99
C GLY A 261 10.72 -3.55 -13.78
N SER A 262 9.77 -3.56 -14.69
CA SER A 262 8.73 -4.56 -14.65
C SER A 262 9.36 -5.94 -14.91
N TYR A 263 10.33 -5.96 -15.83
CA TYR A 263 11.03 -7.22 -16.05
C TYR A 263 11.83 -7.66 -14.83
N THR A 264 12.39 -6.70 -14.11
CA THR A 264 13.12 -7.00 -12.90
C THR A 264 12.19 -7.68 -11.92
N PHE A 265 11.03 -7.09 -11.70
CA PHE A 265 10.06 -7.67 -10.75
C PHE A 265 9.69 -9.11 -11.18
N ARG A 266 9.38 -9.27 -12.48
CA ARG A 266 9.07 -10.61 -13.02
C ARG A 266 10.19 -11.61 -12.75
N THR A 267 11.42 -11.13 -12.83
CA THR A 267 12.57 -11.99 -12.66
C THR A 267 12.76 -12.31 -11.18
N ILE A 268 12.42 -11.39 -10.28
CA ILE A 268 12.45 -11.71 -8.85
C ILE A 268 11.54 -12.90 -8.65
N LYS A 269 10.35 -12.81 -9.25
CA LYS A 269 9.43 -13.94 -9.17
C LYS A 269 10.06 -15.25 -9.67
N GLU A 270 10.66 -15.19 -10.88
CA GLU A 270 11.21 -16.40 -11.51
C GLU A 270 12.35 -17.02 -10.73
N VAL A 271 13.19 -16.17 -10.18
CA VAL A 271 14.29 -16.62 -9.39
C VAL A 271 13.74 -17.32 -8.18
N ILE A 272 12.77 -16.71 -7.49
CA ILE A 272 12.26 -17.36 -6.27
C ILE A 272 11.67 -18.73 -6.60
N SER A 273 10.83 -18.80 -7.63
CA SER A 273 10.17 -20.08 -7.90
C SER A 273 11.15 -21.13 -8.34
N SER A 274 12.07 -20.73 -9.21
CA SER A 274 13.04 -21.65 -9.77
C SER A 274 14.00 -22.15 -8.70
N SER A 275 14.27 -21.29 -7.73
CA SER A 275 15.17 -21.64 -6.65
C SER A 275 14.47 -22.58 -5.66
N ALA A 276 13.15 -22.41 -5.49
CA ALA A 276 12.37 -23.28 -4.60
C ALA A 276 12.09 -24.63 -5.23
N GLN A 277 11.99 -24.65 -6.55
CA GLN A 277 11.79 -25.90 -7.26
C GLN A 277 13.13 -26.52 -7.61
N GLY A 278 14.21 -25.78 -7.38
CA GLY A 278 15.52 -26.27 -7.75
C GLY A 278 15.57 -26.64 -9.20
N THR A 279 15.23 -25.69 -10.06
CA THR A 279 15.44 -25.76 -11.51
C THR A 279 16.27 -24.56 -11.94
N GLU A 280 16.87 -24.63 -13.12
CA GLU A 280 17.60 -23.46 -13.62
C GLU A 280 16.63 -22.29 -13.85
N VAL A 281 17.09 -21.07 -13.57
CA VAL A 281 16.26 -19.90 -13.78
C VAL A 281 16.10 -19.68 -15.27
N LYS A 282 14.86 -19.69 -15.73
CA LYS A 282 14.59 -19.55 -17.16
C LYS A 282 14.04 -18.16 -17.52
N ILE A 283 14.49 -17.69 -18.69
CA ILE A 283 14.54 -16.27 -19.00
C ILE A 283 14.19 -16.03 -20.47
N PRO A 284 13.59 -14.88 -20.81
CA PRO A 284 13.42 -14.63 -22.25
C PRO A 284 14.75 -14.75 -22.96
N GLY A 285 14.79 -15.50 -24.04
CA GLY A 285 16.01 -15.67 -24.78
C GLY A 285 16.74 -16.90 -24.28
N SER A 286 16.48 -17.32 -23.04
CA SER A 286 16.91 -18.66 -22.66
C SER A 286 15.79 -19.40 -21.92
N GLY A 287 15.13 -20.30 -22.63
CA GLY A 287 13.96 -21.01 -22.13
C GLY A 287 12.58 -20.39 -22.32
N TYR A 288 12.47 -19.07 -22.40
CA TYR A 288 11.15 -18.47 -22.66
C TYR A 288 11.07 -18.08 -24.12
N ILE A 289 9.96 -18.38 -24.79
CA ILE A 289 9.95 -18.24 -26.23
C ILE A 289 9.81 -16.78 -26.67
N THR A 290 9.04 -15.99 -25.90
CA THR A 290 8.93 -14.55 -26.13
C THR A 290 9.00 -13.83 -24.80
N SER A 291 9.38 -12.57 -24.83
CA SER A 291 9.31 -11.68 -23.69
C SER A 291 7.95 -11.55 -23.02
N ASN A 292 6.87 -11.59 -23.81
CA ASN A 292 5.56 -11.41 -23.20
C ASN A 292 4.94 -12.77 -22.86
N SER A 293 5.66 -13.85 -23.13
CA SER A 293 5.33 -15.11 -22.48
C SER A 293 5.94 -15.08 -21.08
N TYR A 294 6.91 -14.19 -20.90
CA TYR A 294 7.58 -14.07 -19.61
C TYR A 294 6.85 -13.03 -18.79
N LEU A 295 6.93 -11.78 -19.25
CA LEU A 295 6.14 -10.74 -18.61
C LEU A 295 4.88 -10.65 -19.44
N THR A 296 3.81 -11.14 -18.85
CA THR A 296 2.57 -11.43 -19.55
CA THR A 296 2.59 -11.38 -19.62
C THR A 296 1.59 -10.28 -19.32
N SER A 297 0.73 -10.01 -20.29
CA SER A 297 -0.29 -8.99 -20.13
C SER A 297 -1.02 -9.12 -18.78
N GLN A 298 -1.31 -10.35 -18.33
CA GLN A 298 -1.84 -10.52 -16.97
C GLN A 298 -0.88 -9.96 -15.91
N HIS A 299 0.41 -10.31 -16.02
CA HIS A 299 1.44 -9.79 -15.14
C HIS A 299 1.46 -8.24 -15.15
N VAL A 300 1.32 -7.69 -16.37
CA VAL A 300 1.33 -6.23 -16.54
C VAL A 300 0.12 -5.59 -15.85
N GLN A 301 -1.06 -6.12 -16.08
CA GLN A 301 -2.25 -5.65 -15.41
C GLN A 301 -2.07 -5.72 -13.89
N ASP A 302 -1.49 -6.81 -13.38
CA ASP A 302 -1.26 -6.94 -11.93
C ASP A 302 -0.37 -5.81 -11.41
N ILE A 303 0.75 -5.61 -12.10
CA ILE A 303 1.67 -4.55 -11.72
C ILE A 303 0.99 -3.17 -11.77
N GLU A 304 0.41 -2.85 -12.92
CA GLU A 304 -0.23 -1.56 -13.14
C GLU A 304 -1.33 -1.30 -12.11
N SER A 305 -2.15 -2.30 -11.82
CA SER A 305 -3.25 -2.16 -10.88
CA SER A 305 -3.24 -2.12 -10.89
C SER A 305 -2.73 -1.91 -9.47
N CYS A 306 -1.70 -2.67 -9.09
CA CYS A 306 -1.10 -2.44 -7.79
C CYS A 306 -0.60 -0.99 -7.69
N ILE A 307 0.23 -0.55 -8.64
CA ILE A 307 0.85 0.78 -8.53
C ILE A 307 -0.17 1.93 -8.63
N LYS A 308 -1.06 1.87 -9.61
CA LYS A 308 -2.06 2.90 -9.85
C LYS A 308 -3.14 2.97 -8.77
N TYR A 309 -3.73 1.83 -8.43
CA TYR A 309 -4.94 1.88 -7.62
C TYR A 309 -4.82 1.63 -6.12
N ARG A 310 -3.64 1.30 -5.61
CA ARG A 310 -3.63 0.88 -4.20
C ARG A 310 -2.90 1.87 -3.29
N ASN A 311 -3.22 1.84 -2.00
CA ASN A 311 -2.54 2.69 -1.02
C ASN A 311 -2.03 1.83 0.11
N LEU A 312 -0.72 1.65 0.19
CA LEU A 312 -0.18 0.60 1.05
C LEU A 312 0.94 1.08 1.96
N GLY A 313 0.83 0.74 3.23
CA GLY A 313 1.85 1.08 4.21
C GLY A 313 3.08 0.21 4.05
N VAL A 314 4.21 0.69 4.55
CA VAL A 314 5.40 -0.13 4.58
C VAL A 314 5.17 -1.22 5.59
N VAL A 315 4.56 -0.86 6.71
CA VAL A 315 4.30 -1.84 7.75
C VAL A 315 3.35 -2.93 7.27
N ASP A 316 2.48 -2.58 6.32
CA ASP A 316 1.52 -3.54 5.80
C ASP A 316 2.24 -4.53 4.91
N ILE A 317 3.14 -4.02 4.06
CA ILE A 317 3.94 -4.90 3.23
C ILE A 317 4.83 -5.80 4.07
N GLU A 318 5.50 -5.25 5.08
CA GLU A 318 6.36 -6.05 5.96
C GLU A 318 5.51 -7.10 6.67
N SER A 319 4.28 -6.72 6.99
CA SER A 319 3.29 -7.62 7.57
C SER A 319 2.98 -8.80 6.64
N ALA A 320 2.63 -8.48 5.41
CA ALA A 320 2.32 -9.47 4.40
C ALA A 320 3.48 -10.44 4.22
N LEU A 321 4.66 -9.89 3.90
CA LEU A 321 5.82 -10.73 3.61
C LEU A 321 6.29 -11.56 4.82
N THR A 322 6.26 -11.00 6.01
CA THR A 322 6.73 -11.75 7.14
C THR A 322 5.69 -12.75 7.65
N GLU A 323 4.39 -12.47 7.48
CA GLU A 323 3.40 -13.49 7.86
C GLU A 323 2.92 -14.39 6.69
N GLY A 324 3.25 -14.02 5.46
CA GLY A 324 2.81 -14.78 4.29
C GLY A 324 1.32 -14.74 3.99
N LYS A 325 0.75 -13.54 3.85
CA LYS A 325 -0.69 -13.37 3.66
C LYS A 325 -1.03 -12.24 2.69
N THR A 326 -2.22 -12.30 2.11
CA THR A 326 -2.73 -11.27 1.21
C THR A 326 -2.99 -9.98 2.01
N LEU A 327 -2.93 -8.84 1.35
CA LEU A 327 -3.45 -7.63 1.95
C LEU A 327 -4.72 -7.24 1.21
N PRO A 328 -5.88 -7.47 1.84
CA PRO A 328 -7.19 -7.11 1.28
C PRO A 328 -7.33 -5.62 1.00
N VAL A 329 -7.90 -5.24 -0.12
CA VAL A 329 -8.10 -3.82 -0.41
C VAL A 329 -9.11 -3.22 0.58
N GLN A 330 -8.83 -1.99 1.02
CA GLN A 330 -9.65 -1.31 2.03
C GLN A 330 -10.31 -0.09 1.42
N LEU A 331 -11.51 0.21 1.88
CA LEU A 331 -12.33 1.31 1.39
C LEU A 331 -11.55 2.63 1.31
N SER A 332 -10.75 2.87 2.33
CA SER A 332 -9.89 4.07 2.40
C SER A 332 -8.97 4.16 1.20
N GLU A 333 -8.53 3.02 0.67
CA GLU A 333 -7.69 3.05 -0.53
C GLU A 333 -8.50 3.55 -1.72
N PHE A 334 -9.75 3.14 -1.80
CA PHE A 334 -10.63 3.59 -2.89
C PHE A 334 -10.72 5.11 -2.79
N ILE A 335 -11.00 5.58 -1.59
CA ILE A 335 -11.06 7.03 -1.40
C ILE A 335 -9.77 7.77 -1.82
N VAL A 336 -8.61 7.25 -1.39
CA VAL A 336 -7.33 7.90 -1.69
C VAL A 336 -7.01 7.89 -3.19
N ALA A 337 -7.20 6.74 -3.83
CA ALA A 337 -7.12 6.67 -5.29
C ALA A 337 -7.98 7.76 -5.96
N LEU A 338 -9.24 7.87 -5.54
CA LEU A 338 -10.11 8.93 -6.11
C LEU A 338 -9.53 10.33 -5.87
N GLU A 339 -8.97 10.56 -4.68
CA GLU A 339 -8.32 11.85 -4.43
C GLU A 339 -7.16 12.09 -5.39
N ASP A 340 -6.38 11.04 -5.73
CA ASP A 340 -5.26 11.20 -6.66
C ASP A 340 -5.67 11.44 -8.10
N TYR A 341 -6.66 10.69 -8.59
CA TYR A 341 -7.19 10.97 -9.92
C TYR A 341 -7.70 12.43 -9.97
N GLY A 342 -8.40 12.83 -8.90
CA GLY A 342 -8.95 14.18 -8.82
C GLY A 342 -7.88 15.25 -8.84
N LYS A 343 -6.84 15.05 -8.02
CA LYS A 343 -5.76 16.00 -7.91
C LYS A 343 -5.10 16.14 -9.26
N LEU A 344 -4.81 15.00 -9.87
CA LEU A 344 -4.09 15.06 -11.13
C LEU A 344 -4.90 15.87 -12.13
N ARG A 345 -6.17 15.53 -12.33
CA ARG A 345 -6.86 16.27 -13.37
C ARG A 345 -7.05 17.77 -13.01
N SER A 346 -7.31 18.10 -11.74
CA SER A 346 -7.49 19.53 -11.39
C SER A 346 -6.23 20.38 -11.52
N GLN A 347 -5.09 19.79 -11.15
CA GLN A 347 -3.76 20.39 -11.27
C GLN A 347 -3.34 20.77 -12.68
N GLN A 348 -3.79 19.99 -13.66
CA GLN A 348 -3.19 20.08 -14.98
C GLN A 348 -4.04 20.84 -15.96
N SER A 349 -3.48 21.05 -17.14
CA SER A 349 -4.20 21.73 -18.18
C SER A 349 -4.10 20.87 -19.41
N GLU A 350 -5.22 20.26 -19.78
CA GLU A 350 -5.25 19.35 -20.92
C GLU A 350 -5.39 20.12 -22.20
N LYS A 351 -4.88 19.54 -23.28
CA LYS A 351 -5.27 19.99 -24.60
C LYS A 351 -6.77 19.75 -24.67
N SER A 352 -7.52 20.81 -24.97
CA SER A 352 -8.98 20.71 -25.03
C SER A 352 -9.39 20.61 -26.49
N MET A 353 -9.84 19.43 -26.89
CA MET A 353 -9.98 19.12 -28.29
C MET A 353 -11.43 19.14 -28.74
N LEU A 354 -11.65 18.86 -30.03
CA LEU A 354 -12.88 19.26 -30.69
C LEU A 354 -13.69 18.05 -31.15
N ASN A 355 -15.00 18.27 -31.33
CA ASN A 355 -15.95 17.20 -31.63
C ASN A 355 -15.71 16.04 -30.68
N PHE A 356 -15.95 16.33 -29.40
CA PHE A 356 -15.52 15.45 -28.33
C PHE A 356 -16.67 14.54 -27.90
N ILE A 357 -16.46 13.25 -28.13
CA ILE A 357 -17.33 12.20 -27.65
C ILE A 357 -16.89 11.82 -26.24
N GLY A 358 -17.81 11.84 -25.28
CA GLY A 358 -17.49 11.48 -23.91
C GLY A 358 -17.47 12.62 -22.90
N TYR A 359 -17.32 12.28 -21.64
CA TYR A 359 -17.49 13.27 -20.58
C TYR A 359 -16.37 14.29 -20.52
N SER A 360 -16.73 15.52 -20.20
CA SER A 360 -15.78 16.60 -19.93
C SER A 360 -15.04 16.42 -18.62
N LYS A 361 -13.88 17.06 -18.53
CA LYS A 361 -13.13 17.10 -17.28
C LYS A 361 -14.02 17.49 -16.10
N THR A 362 -14.86 18.51 -16.31
CA THR A 362 -15.68 19.06 -15.25
C THR A 362 -16.69 18.06 -14.71
N ALA A 363 -17.39 17.40 -15.63
CA ALA A 363 -18.31 16.34 -15.25
C ALA A 363 -17.58 15.31 -14.37
N LYS A 364 -16.45 14.83 -14.85
CA LYS A 364 -15.72 13.79 -14.13
C LYS A 364 -15.28 14.27 -12.75
N LEU A 365 -14.66 15.43 -12.65
CA LEU A 365 -14.24 15.94 -11.34
C LEU A 365 -15.42 16.13 -10.37
N THR A 366 -16.57 16.60 -10.88
CA THR A 366 -17.79 16.68 -10.05
C THR A 366 -18.21 15.30 -9.52
N ALA A 367 -18.12 14.29 -10.39
CA ALA A 367 -18.49 12.93 -9.99
C ALA A 367 -17.53 12.37 -8.93
N VAL A 368 -16.24 12.51 -9.19
CA VAL A 368 -15.21 12.12 -8.25
C VAL A 368 -15.42 12.78 -6.88
N GLU A 369 -15.68 14.08 -6.87
CA GLU A 369 -15.80 14.76 -5.60
C GLU A 369 -17.06 14.25 -4.86
N LEU A 370 -18.13 14.02 -5.63
CA LEU A 370 -19.34 13.46 -5.05
C LEU A 370 -19.05 12.15 -4.34
N LEU A 371 -18.38 11.26 -5.08
CA LEU A 371 -18.11 9.91 -4.63
C LEU A 371 -17.17 9.91 -3.44
N ILE A 372 -16.19 10.80 -3.42
CA ILE A 372 -15.27 10.87 -2.30
C ILE A 372 -16.08 11.23 -1.06
N GLY A 373 -16.96 12.22 -1.21
CA GLY A 373 -17.78 12.62 -0.07
C GLY A 373 -18.65 11.49 0.44
N ILE A 374 -19.23 10.72 -0.49
CA ILE A 374 -20.13 9.64 -0.12
C ILE A 374 -19.40 8.50 0.60
N LEU A 375 -18.28 8.07 0.00
CA LEU A 375 -17.44 7.05 0.61
C LEU A 375 -16.93 7.46 1.97
N ASN A 376 -16.47 8.70 2.12
CA ASN A 376 -15.96 9.14 3.41
C ASN A 376 -17.07 9.22 4.47
N ASP A 377 -18.27 9.62 4.01
CA ASP A 377 -19.44 9.57 4.88
C ASP A 377 -19.75 8.14 5.32
N ILE A 378 -19.61 7.18 4.41
CA ILE A 378 -19.85 5.78 4.74
C ILE A 378 -18.81 5.25 5.73
N LYS A 379 -17.57 5.66 5.52
CA LYS A 379 -16.48 5.25 6.39
C LYS A 379 -16.63 5.77 7.81
N GLY A 380 -16.86 7.07 7.95
CA GLY A 380 -17.04 7.64 9.27
C GLY A 380 -18.37 7.47 9.95
N LYS A 381 -19.44 7.81 9.25
CA LYS A 381 -20.79 7.79 9.81
C LYS A 381 -21.54 6.51 9.54
N ASN A 382 -21.00 5.64 8.69
CA ASN A 382 -21.68 4.40 8.29
C ASN A 382 -23.09 4.66 7.75
N GLU A 383 -23.28 5.80 7.13
CA GLU A 383 -24.60 6.21 6.69
C GLU A 383 -24.55 7.14 5.49
N ILE A 384 -25.62 7.13 4.71
CA ILE A 384 -25.73 7.99 3.54
C ILE A 384 -27.17 8.47 3.36
N SER A 385 -27.35 9.78 3.17
CA SER A 385 -28.67 10.35 2.90
C SER A 385 -29.26 9.81 1.60
N GLU A 386 -30.58 9.82 1.45
CA GLU A 386 -31.14 9.20 0.25
C GLU A 386 -30.93 10.10 -0.96
N SER A 387 -30.95 11.41 -0.77
CA SER A 387 -30.70 12.29 -1.92
C SER A 387 -29.25 12.17 -2.34
N GLN A 388 -28.36 11.96 -1.38
CA GLN A 388 -26.97 11.60 -1.71
C GLN A 388 -26.97 10.39 -2.65
N TYR A 389 -27.66 9.32 -2.27
CA TYR A 389 -27.74 8.14 -3.11
C TYR A 389 -28.30 8.46 -4.49
N ASP A 390 -29.27 9.37 -4.54
CA ASP A 390 -29.91 9.79 -5.80
C ASP A 390 -28.92 10.50 -6.73
N LYS A 391 -28.10 11.37 -6.13
CA LYS A 391 -27.05 12.06 -6.86
C LYS A 391 -26.01 11.08 -7.42
N LEU A 392 -25.61 10.15 -6.55
CA LEU A 392 -24.66 9.12 -6.95
C LEU A 392 -25.22 8.39 -8.16
N VAL A 393 -26.50 8.05 -8.07
CA VAL A 393 -27.11 7.28 -9.11
C VAL A 393 -27.05 8.07 -10.39
N LYS A 394 -27.24 9.39 -10.28
CA LYS A 394 -27.08 10.22 -11.47
C LYS A 394 -25.64 10.22 -12.03
N GLU A 395 -24.64 10.05 -11.17
CA GLU A 395 -23.27 10.16 -11.68
C GLU A 395 -22.59 8.84 -12.03
N VAL A 396 -23.27 7.72 -11.79
CA VAL A 396 -22.61 6.42 -11.88
C VAL A 396 -22.01 6.13 -13.26
N ASP A 397 -22.71 6.46 -14.33
CA ASP A 397 -22.24 6.20 -15.69
C ASP A 397 -20.96 6.94 -15.98
N CYS A 398 -20.89 8.19 -15.54
CA CYS A 398 -19.65 8.97 -15.65
C CYS A 398 -18.55 8.38 -14.77
N LEU A 399 -18.91 7.84 -13.60
CA LEU A 399 -17.91 7.19 -12.75
C LEU A 399 -17.40 5.90 -13.37
N MET A 400 -18.17 5.35 -14.30
CA MET A 400 -17.82 4.05 -14.84
C MET A 400 -17.03 4.14 -16.15
N ASP A 401 -16.85 5.37 -16.63
CA ASP A 401 -16.34 5.59 -17.97
C ASP A 401 -14.82 5.79 -18.00
N SER A 402 -14.17 5.24 -19.02
CA SER A 402 -12.72 5.39 -19.24
C SER A 402 -11.80 5.00 -18.09
N SER A 403 -10.79 5.84 -17.85
CA SER A 403 -9.76 5.52 -16.86
C SER A 403 -10.35 5.46 -15.48
N LEU A 404 -11.20 6.44 -15.21
CA LEU A 404 -11.90 6.55 -13.94
C LEU A 404 -12.67 5.28 -13.73
N GLY A 405 -13.34 4.86 -14.78
CA GLY A 405 -14.04 3.60 -14.77
C GLY A 405 -13.14 2.45 -14.40
N LYS A 406 -11.95 2.38 -14.97
CA LYS A 406 -11.02 1.29 -14.61
C LYS A 406 -10.59 1.31 -13.12
N LEU A 407 -10.35 2.52 -12.59
CA LEU A 407 -10.09 2.68 -11.16
C LEU A 407 -11.26 2.17 -10.25
N VAL A 408 -12.43 2.72 -10.54
CA VAL A 408 -13.63 2.36 -9.80
C VAL A 408 -13.83 0.86 -9.90
N GLN A 409 -13.59 0.28 -11.07
CA GLN A 409 -13.86 -1.13 -11.29
C GLN A 409 -12.88 -1.99 -10.50
N PHE A 410 -11.62 -1.57 -10.45
CA PHE A 410 -10.66 -2.26 -9.60
C PHE A 410 -11.18 -2.31 -8.18
N HIS A 411 -11.55 -1.15 -7.62
CA HIS A 411 -11.93 -1.16 -6.22
C HIS A 411 -13.26 -1.88 -5.93
N LEU A 412 -14.27 -1.65 -6.76
CA LEU A 412 -15.53 -2.42 -6.70
C LEU A 412 -15.23 -3.89 -6.66
N LYS A 413 -14.37 -4.35 -7.57
CA LYS A 413 -14.04 -5.77 -7.62
C LYS A 413 -13.43 -6.22 -6.30
N ASN A 414 -12.41 -5.49 -5.85
CA ASN A 414 -11.70 -5.97 -4.66
C ASN A 414 -12.45 -5.73 -3.36
N LEU A 415 -13.43 -4.82 -3.38
CA LEU A 415 -14.27 -4.60 -2.21
C LEU A 415 -15.47 -5.54 -2.25
N GLY A 416 -15.51 -6.39 -3.27
CA GLY A 416 -16.53 -7.42 -3.33
C GLY A 416 -17.91 -6.90 -3.70
N ALA A 417 -17.95 -5.76 -4.40
CA ALA A 417 -19.23 -5.18 -4.80
C ALA A 417 -19.46 -5.32 -6.30
N GLU A 418 -20.69 -5.64 -6.66
CA GLU A 418 -21.09 -5.77 -8.06
C GLU A 418 -21.16 -4.39 -8.72
N SER A 419 -21.31 -3.34 -7.92
CA SER A 419 -21.44 -1.98 -8.45
C SER A 419 -21.50 -0.90 -7.38
N LEU A 420 -21.33 0.35 -7.82
CA LEU A 420 -21.46 1.50 -6.93
C LEU A 420 -22.76 1.50 -6.14
N GLN A 421 -23.88 1.28 -6.84
CA GLN A 421 -25.16 1.19 -6.17
C GLN A 421 -25.11 0.09 -5.12
N LYS A 422 -24.75 -1.12 -5.54
CA LYS A 422 -24.79 -2.25 -4.63
C LYS A 422 -23.68 -2.16 -3.58
N LEU A 423 -22.68 -1.31 -3.78
CA LEU A 423 -21.72 -1.00 -2.72
C LEU A 423 -22.34 -0.11 -1.65
N VAL A 424 -22.92 1.01 -2.10
CA VAL A 424 -23.35 2.10 -1.23
C VAL A 424 -24.69 1.86 -0.53
N LEU A 425 -25.59 1.18 -1.23
CA LEU A 425 -27.00 0.98 -0.85
C LEU A 425 -27.33 0.42 0.55
N PRO A 426 -26.52 -0.51 1.08
CA PRO A 426 -26.86 -0.93 2.45
C PRO A 426 -26.77 0.20 3.47
N CYS A 427 -26.05 1.26 3.13
CA CYS A 427 -25.79 2.38 4.03
C CYS A 427 -26.72 3.57 3.90
N VAL A 428 -27.72 3.48 3.03
CA VAL A 428 -28.57 4.66 2.81
C VAL A 428 -29.78 4.66 3.73
N LYS A 429 -30.03 5.82 4.34
CA LYS A 429 -31.21 6.06 5.16
C LYS A 429 -32.29 6.71 4.31
N PHE A 430 -33.35 5.96 4.02
CA PHE A 430 -34.45 6.41 3.18
C PHE A 430 -35.40 7.36 3.89
N ASP A 431 -36.15 8.14 3.09
CA ASP A 431 -37.04 9.22 3.56
C ASP A 431 -36.21 10.34 4.20
N LYS B 10 -19.85 3.23 41.64
CA LYS B 10 -19.06 4.23 40.93
C LYS B 10 -19.88 4.86 39.82
N THR B 11 -20.71 4.07 39.15
CA THR B 11 -21.55 4.59 38.07
C THR B 11 -22.66 5.45 38.65
N PHE B 12 -23.21 6.32 37.80
CA PHE B 12 -24.21 7.31 38.20
C PHE B 12 -25.45 6.69 38.85
N LYS B 13 -25.76 5.43 38.51
CA LYS B 13 -26.90 4.76 39.14
C LYS B 13 -26.58 4.32 40.57
N GLN B 14 -25.29 4.16 40.86
CA GLN B 14 -24.85 3.83 42.20
C GLN B 14 -24.71 5.07 43.09
N ARG B 15 -24.35 6.20 42.48
CA ARG B 15 -24.12 7.45 43.19
C ARG B 15 -25.41 8.20 43.53
N ARG B 16 -26.41 8.06 42.66
CA ARG B 16 -27.75 8.57 42.93
C ARG B 16 -28.74 7.40 43.01
N THR B 17 -29.58 7.36 44.04
CA THR B 17 -30.60 6.33 44.15
C THR B 17 -31.60 6.53 43.00
N PHE B 18 -32.39 5.50 42.73
CA PHE B 18 -33.43 5.57 41.71
C PHE B 18 -34.41 6.72 42.00
N GLU B 19 -34.85 6.83 43.24
CA GLU B 19 -35.70 7.94 43.67
C GLU B 19 -35.08 9.32 43.39
N GLN B 20 -33.81 9.46 43.78
CA GLN B 20 -33.05 10.68 43.57
C GLN B 20 -32.97 11.02 42.07
N ARG B 21 -32.60 10.02 41.27
CA ARG B 21 -32.52 10.16 39.82
C ARG B 21 -33.85 10.62 39.24
N VAL B 22 -34.91 9.99 39.74
CA VAL B 22 -36.27 10.25 39.30
C VAL B 22 -36.64 11.69 39.57
N GLU B 23 -36.20 12.24 40.70
CA GLU B 23 -36.52 13.64 40.93
C GLU B 23 -35.56 14.61 40.23
N ASP B 24 -34.38 14.13 39.87
CA ASP B 24 -33.48 14.93 39.04
C ASP B 24 -34.13 15.16 37.68
N VAL B 25 -34.46 14.05 37.04
CA VAL B 25 -35.11 14.07 35.74
C VAL B 25 -36.47 14.77 35.84
N ARG B 26 -37.26 14.42 36.85
CA ARG B 26 -38.65 14.83 36.87
C ARG B 26 -38.74 16.32 36.90
N LEU B 27 -37.85 17.02 37.61
CA LEU B 27 -37.53 18.28 36.98
C LEU B 27 -36.06 18.75 37.08
N ILE B 28 -35.29 18.54 36.01
CA ILE B 28 -34.44 19.54 35.35
C ILE B 28 -35.14 19.69 33.99
N ARG B 29 -36.16 18.85 33.76
CA ARG B 29 -36.85 18.64 32.47
C ARG B 29 -37.43 19.94 31.86
N GLU B 30 -38.20 20.71 32.64
CA GLU B 30 -38.71 22.05 32.21
C GLU B 30 -38.06 23.35 32.71
N GLN B 31 -37.01 23.24 33.51
CA GLN B 31 -36.15 24.40 33.73
C GLN B 31 -35.15 24.40 32.60
N HIS B 32 -35.32 23.37 31.76
CA HIS B 32 -34.90 23.35 30.38
C HIS B 32 -35.88 22.50 29.56
N PRO B 33 -37.12 22.99 29.40
CA PRO B 33 -38.29 22.25 28.86
C PRO B 33 -37.96 21.53 27.59
N THR B 34 -37.27 22.26 26.73
CA THR B 34 -36.61 21.73 25.58
C THR B 34 -35.77 20.48 25.93
N LYS B 35 -34.72 20.70 26.70
CA LYS B 35 -33.57 19.78 26.75
C LYS B 35 -33.84 18.35 27.23
N ILE B 36 -32.93 17.44 26.88
CA ILE B 36 -33.01 16.04 27.30
C ILE B 36 -31.76 15.66 28.09
N PRO B 37 -31.96 15.01 29.24
CA PRO B 37 -30.86 14.66 30.15
C PRO B 37 -30.12 13.40 29.70
N VAL B 38 -28.79 13.41 29.77
CA VAL B 38 -28.05 12.23 29.32
C VAL B 38 -26.88 11.90 30.23
N ILE B 39 -26.79 10.66 30.67
CA ILE B 39 -25.61 10.23 31.39
C ILE B 39 -24.66 9.46 30.46
N ILE B 40 -23.53 10.07 30.14
CA ILE B 40 -22.52 9.41 29.34
C ILE B 40 -21.37 8.97 30.23
N GLU B 41 -21.11 7.67 30.25
CA GLU B 41 -20.04 7.13 31.06
C GLU B 41 -19.12 6.24 30.23
N ARG B 42 -17.95 5.93 30.76
CA ARG B 42 -17.02 5.11 30.01
C ARG B 42 -17.26 3.65 30.32
N TYR B 43 -17.22 2.83 29.27
CA TYR B 43 -17.31 1.39 29.40
C TYR B 43 -16.24 0.90 30.38
N LYS B 44 -16.64 0.10 31.36
CA LYS B 44 -15.76 -0.26 32.49
C LYS B 44 -14.54 -1.06 32.03
N GLY B 45 -14.72 -1.90 31.02
CA GLY B 45 -13.63 -2.71 30.50
C GLY B 45 -12.90 -2.08 29.33
N GLU B 46 -13.03 -0.75 29.18
CA GLU B 46 -12.40 -0.08 28.06
C GLU B 46 -11.00 0.41 28.46
N LYS B 47 -9.99 -0.25 27.90
CA LYS B 47 -8.61 0.02 28.27
C LYS B 47 -8.00 1.22 27.55
N GLN B 48 -8.50 1.52 26.35
CA GLN B 48 -7.81 2.44 25.44
C GLN B 48 -8.31 3.90 25.40
N LEU B 49 -9.36 4.23 26.14
CA LEU B 49 -9.94 5.57 26.04
C LEU B 49 -9.88 6.32 27.35
N PRO B 50 -9.61 7.64 27.29
CA PRO B 50 -9.58 8.47 28.49
C PRO B 50 -10.93 8.51 29.18
N VAL B 51 -10.93 8.74 30.49
CA VAL B 51 -12.18 8.98 31.18
C VAL B 51 -12.41 10.47 31.28
N LEU B 52 -13.37 10.97 30.52
CA LEU B 52 -13.80 12.34 30.67
C LEU B 52 -14.70 12.35 31.88
N ASP B 53 -14.52 13.29 32.79
CA ASP B 53 -15.56 13.41 33.78
C ASP B 53 -16.28 14.75 33.73
N LYS B 54 -17.47 14.70 33.14
CA LYS B 54 -18.70 15.16 33.76
C LYS B 54 -19.71 14.14 33.26
N THR B 55 -20.40 13.47 34.17
CA THR B 55 -21.28 12.40 33.75
C THR B 55 -22.56 12.99 33.20
N LYS B 56 -23.27 13.72 34.07
CA LYS B 56 -24.54 14.34 33.70
C LYS B 56 -24.37 15.41 32.62
N PHE B 57 -25.15 15.28 31.56
CA PHE B 57 -25.15 16.22 30.44
C PHE B 57 -26.56 16.68 30.16
N LEU B 58 -26.68 17.85 29.55
CA LEU B 58 -27.98 18.31 29.09
C LEU B 58 -27.88 18.63 27.60
N VAL B 59 -28.76 18.07 26.78
CA VAL B 59 -28.65 18.25 25.33
C VAL B 59 -29.90 18.85 24.69
N PRO B 60 -29.74 19.76 23.71
CA PRO B 60 -30.90 20.21 22.94
C PRO B 60 -31.51 19.09 22.09
N ASP B 61 -32.80 19.20 21.78
CA ASP B 61 -33.60 18.10 21.23
C ASP B 61 -33.44 17.77 19.75
N HIS B 62 -33.47 18.79 18.89
CA HIS B 62 -33.41 18.57 17.45
C HIS B 62 -32.07 17.96 17.04
N VAL B 63 -31.13 17.95 18.00
CA VAL B 63 -29.80 17.38 17.79
C VAL B 63 -29.85 15.88 17.51
N ASN B 64 -29.10 15.44 16.50
CA ASN B 64 -28.95 14.01 16.27
C ASN B 64 -27.68 13.49 16.93
N MET B 65 -27.51 12.17 16.88
CA MET B 65 -26.42 11.50 17.58
C MET B 65 -25.06 11.95 17.09
N SER B 66 -25.01 12.34 15.82
CA SER B 66 -23.82 12.85 15.16
C SER B 66 -23.07 13.88 15.99
N GLU B 67 -23.75 14.99 16.26
CA GLU B 67 -23.14 16.12 16.98
C GLU B 67 -22.72 15.72 18.39
N LEU B 68 -23.53 14.90 19.04
CA LEU B 68 -23.24 14.45 20.40
C LEU B 68 -21.92 13.67 20.40
N ILE B 69 -21.81 12.75 19.45
CA ILE B 69 -20.58 12.03 19.20
C ILE B 69 -19.43 13.01 18.95
N LYS B 70 -19.72 14.11 18.27
CA LYS B 70 -18.69 15.12 17.97
C LYS B 70 -18.16 15.84 19.22
N ILE B 71 -19.06 16.23 20.11
CA ILE B 71 -18.66 16.98 21.29
C ILE B 71 -17.98 16.07 22.30
N ILE B 72 -18.48 14.85 22.45
CA ILE B 72 -17.81 13.89 23.32
C ILE B 72 -16.45 13.51 22.72
N ARG B 73 -16.34 13.58 21.40
CA ARG B 73 -15.08 13.37 20.71
C ARG B 73 -14.17 14.57 20.85
N ARG B 74 -14.75 15.70 21.24
CA ARG B 74 -14.00 16.92 21.52
C ARG B 74 -13.44 17.03 22.93
N ARG B 75 -14.25 16.68 23.92
CA ARG B 75 -13.77 16.72 25.30
C ARG B 75 -12.78 15.57 25.52
N LEU B 76 -13.06 14.41 24.94
CA LEU B 76 -11.98 13.46 24.69
C LEU B 76 -11.15 14.18 23.64
N GLN B 77 -9.85 14.28 23.84
CA GLN B 77 -9.10 15.31 23.11
C GLN B 77 -8.58 14.84 21.75
N LEU B 78 -9.00 13.66 21.30
CA LEU B 78 -8.34 13.05 20.13
C LEU B 78 -9.03 13.32 18.77
N ASN B 79 -8.40 12.84 17.69
CA ASN B 79 -8.42 13.47 16.36
C ASN B 79 -9.48 13.09 15.31
N ALA B 80 -10.49 12.28 15.69
CA ALA B 80 -11.61 11.85 14.80
C ALA B 80 -11.24 10.68 13.91
N ASN B 81 -10.00 10.30 14.00
CA ASN B 81 -9.40 9.29 13.20
C ASN B 81 -9.17 7.93 13.88
N GLN B 82 -9.49 7.88 15.16
CA GLN B 82 -9.49 6.65 15.94
C GLN B 82 -10.91 6.29 16.36
N ALA B 83 -11.19 4.99 16.37
CA ALA B 83 -12.55 4.46 16.54
C ALA B 83 -13.21 4.92 17.83
N PHE B 84 -14.44 5.44 17.68
CA PHE B 84 -15.26 5.80 18.82
C PHE B 84 -16.67 5.27 18.60
N PHE B 85 -17.24 4.71 19.65
CA PHE B 85 -18.62 4.23 19.57
C PHE B 85 -19.38 4.59 20.85
N LEU B 86 -20.62 5.05 20.66
CA LEU B 86 -21.56 5.33 21.74
C LEU B 86 -22.71 4.33 21.75
N LEU B 87 -22.80 3.53 22.80
CA LEU B 87 -23.89 2.57 22.96
C LEU B 87 -24.95 3.15 23.89
N VAL B 88 -26.23 2.93 23.59
CA VAL B 88 -27.32 3.44 24.42
C VAL B 88 -28.08 2.30 25.14
N ASN B 89 -27.90 2.20 26.46
CA ASN B 89 -28.19 0.98 27.24
C ASN B 89 -27.25 -0.16 26.74
N GLY B 90 -27.79 -1.30 26.28
CA GLY B 90 -26.94 -2.39 25.79
C GLY B 90 -27.05 -2.47 24.27
N HIS B 91 -27.72 -1.44 23.78
CA HIS B 91 -28.38 -1.25 22.49
C HIS B 91 -27.76 -0.06 21.77
N SER B 92 -27.63 -0.08 20.45
CA SER B 92 -27.24 1.20 19.84
C SER B 92 -27.41 1.32 18.35
N MET B 93 -27.12 2.53 17.88
CA MET B 93 -27.51 2.99 16.56
C MET B 93 -26.88 2.21 15.42
N VAL B 94 -27.70 1.88 14.44
CA VAL B 94 -27.23 1.65 13.08
C VAL B 94 -27.48 2.95 12.29
N SER B 95 -28.08 3.93 12.96
CA SER B 95 -28.36 5.23 12.37
C SER B 95 -27.93 6.40 13.28
N VAL B 96 -26.96 7.17 12.81
CA VAL B 96 -26.38 8.27 13.57
C VAL B 96 -27.15 9.57 13.29
N SER B 97 -28.06 9.49 12.33
CA SER B 97 -28.87 10.65 11.96
C SER B 97 -30.12 10.81 12.81
N THR B 98 -30.36 9.84 13.69
CA THR B 98 -31.50 9.86 14.62
C THR B 98 -31.46 11.04 15.59
N PRO B 99 -32.51 11.89 15.60
CA PRO B 99 -32.55 12.97 16.58
C PRO B 99 -32.55 12.40 17.99
N ILE B 100 -31.82 13.03 18.92
CA ILE B 100 -31.72 12.53 20.30
C ILE B 100 -33.09 12.49 20.97
N SER B 101 -34.07 13.19 20.38
CA SER B 101 -35.43 13.16 20.89
C SER B 101 -36.09 11.78 20.68
N GLU B 102 -36.00 11.27 19.45
CA GLU B 102 -36.58 9.96 19.14
C GLU B 102 -35.79 8.84 19.83
N VAL B 103 -34.49 9.04 19.95
CA VAL B 103 -33.65 8.11 20.69
C VAL B 103 -34.07 8.08 22.14
N TYR B 104 -34.38 9.25 22.67
CA TYR B 104 -34.81 9.39 24.06
C TYR B 104 -36.12 8.68 24.28
N GLU B 105 -37.10 8.92 23.40
CA GLU B 105 -38.39 8.25 23.53
C GLU B 105 -38.23 6.73 23.32
N SER B 106 -37.19 6.33 22.60
CA SER B 106 -36.95 4.92 22.35
C SER B 106 -36.34 4.20 23.53
N GLU B 107 -35.09 4.54 23.83
CA GLU B 107 -34.26 3.79 24.75
C GLU B 107 -34.15 4.32 26.20
N LYS B 108 -34.93 5.34 26.56
CA LYS B 108 -34.82 5.93 27.90
C LYS B 108 -34.99 4.92 29.04
N ASP B 109 -34.28 5.16 30.13
CA ASP B 109 -34.38 4.34 31.33
C ASP B 109 -35.69 4.59 32.08
N GLU B 110 -36.06 3.65 32.94
CA GLU B 110 -37.26 3.75 33.77
C GLU B 110 -37.20 4.95 34.71
N ASP B 111 -36.00 5.47 34.96
CA ASP B 111 -35.81 6.58 35.89
C ASP B 111 -35.92 7.93 35.15
N GLY B 112 -35.98 7.87 33.84
CA GLY B 112 -36.19 9.07 33.04
C GLY B 112 -34.94 9.64 32.39
N PHE B 113 -33.76 9.19 32.82
CA PHE B 113 -32.51 9.57 32.18
C PHE B 113 -32.26 8.71 30.94
N LEU B 114 -31.57 9.26 29.95
CA LEU B 114 -31.14 8.48 28.79
C LEU B 114 -29.68 8.09 28.95
N TYR B 115 -29.41 6.80 29.07
CA TYR B 115 -28.06 6.34 29.42
C TYR B 115 -27.23 5.95 28.19
N MET B 116 -25.97 6.39 28.20
CA MET B 116 -25.05 6.12 27.12
C MET B 116 -23.68 5.80 27.67
N VAL B 117 -23.00 4.86 27.02
CA VAL B 117 -21.67 4.44 27.45
C VAL B 117 -20.75 4.44 26.22
N TYR B 118 -19.47 4.75 26.39
CA TYR B 118 -18.63 4.88 25.20
C TYR B 118 -17.38 4.00 25.23
N ALA B 119 -16.91 3.62 24.04
CA ALA B 119 -15.75 2.73 23.92
C ALA B 119 -15.04 2.88 22.59
N SER B 120 -13.81 2.36 22.55
CA SER B 120 -13.03 2.29 21.30
C SER B 120 -13.38 1.04 20.50
N GLN B 121 -14.34 0.28 20.99
CA GLN B 121 -14.73 -0.97 20.36
C GLN B 121 -16.22 -1.21 20.66
N GLU B 122 -16.84 -2.12 19.90
CA GLU B 122 -18.28 -2.36 19.99
C GLU B 122 -18.63 -3.55 20.95
N THR B 123 -17.66 -4.06 21.72
CA THR B 123 -17.84 -5.28 22.54
C THR B 123 -19.08 -5.38 23.45
N PHE B 124 -19.55 -6.62 23.56
CA PHE B 124 -20.53 -7.11 24.54
C PHE B 124 -20.29 -6.62 25.97
#